data_6O3W
#
_entry.id   6O3W
#
_cell.length_a   103.418
_cell.length_b   109.103
_cell.length_c   86.743
_cell.angle_alpha   90.00
_cell.angle_beta   90.00
_cell.angle_gamma   90.00
#
_symmetry.space_group_name_H-M   'C 2 2 21'
#
loop_
_entity.id
_entity.type
_entity.pdbx_description
1 polymer 'Helicase SEN1'
2 polymer 'Protein NRD1'
3 water water
#
loop_
_entity_poly.entity_id
_entity_poly.type
_entity_poly.pdbx_seq_one_letter_code
_entity_poly.pdbx_strand_id
1 'polypeptide(L)' EQEDDYKLPMEYIT C,D
2 'polypeptide(L)'
;MGSSHHHHHHSSGLVPRGSHMDFQNFVATLESFKDLKSGISGSRIKKLTTYALDHIDIESKIISLIIDYSRLCPDSHKLG
SLYIIDSIGRAYLDETRSNSNSSSNKPGTCAHAINTLGEVIQELLSDAIAKSNQDHKEKIRMLLDIWDRSGLFQKSYLNA
IRSKCFAMDISN
;
A,B
#
# COMPACT_ATOMS: atom_id res chain seq x y z
N ASP A 4 10.77 -8.64 -10.59
CA ASP A 4 11.52 -8.86 -9.37
C ASP A 4 11.35 -7.68 -8.41
N ASP A 5 10.09 -7.30 -8.17
CA ASP A 5 9.85 -6.18 -7.27
C ASP A 5 9.87 -6.67 -5.83
N TYR A 6 9.69 -5.75 -4.89
CA TYR A 6 9.66 -6.09 -3.48
C TYR A 6 8.20 -6.27 -3.05
N LYS A 7 7.86 -7.48 -2.60
CA LYS A 7 6.47 -7.76 -2.21
C LYS A 7 6.20 -7.27 -0.79
N LEU A 8 5.33 -6.28 -0.66
CA LEU A 8 4.96 -5.72 0.63
C LEU A 8 3.90 -6.59 1.30
N PRO A 9 3.78 -6.52 2.64
CA PRO A 9 2.87 -7.41 3.38
C PRO A 9 1.43 -6.90 3.36
N MET A 10 0.56 -7.68 2.70
CA MET A 10 -0.83 -7.26 2.52
C MET A 10 -1.56 -7.10 3.85
N GLU A 11 -1.23 -7.93 4.85
CA GLU A 11 -1.90 -7.82 6.14
C GLU A 11 -1.68 -6.47 6.81
N TYR A 12 -0.68 -5.70 6.37
CA TYR A 12 -0.46 -4.36 6.92
C TYR A 12 -0.83 -3.26 5.94
N ILE A 13 -1.48 -3.61 4.82
CA ILE A 13 -1.82 -2.66 3.79
C ILE A 13 -3.34 -2.46 3.69
N THR A 14 -4.08 -3.56 3.54
CA THR A 14 -5.47 -3.47 3.12
C THR A 14 -6.44 -3.20 4.29
N ASP B 4 -10.40 -12.94 5.38
CA ASP B 4 -11.29 -12.64 4.26
C ASP B 4 -11.18 -11.16 3.87
N ASP B 5 -9.96 -10.62 3.88
CA ASP B 5 -9.74 -9.23 3.53
C ASP B 5 -9.75 -9.05 2.02
N TYR B 6 -9.64 -7.80 1.58
CA TYR B 6 -9.59 -7.48 0.16
C TYR B 6 -8.14 -7.43 -0.29
N LYS B 7 -7.78 -8.27 -1.25
CA LYS B 7 -6.39 -8.35 -1.71
C LYS B 7 -6.12 -7.25 -2.73
N LEU B 8 -5.22 -6.32 -2.39
CA LEU B 8 -4.93 -5.24 -3.33
C LEU B 8 -3.84 -5.67 -4.29
N PRO B 9 -3.73 -5.00 -5.47
CA PRO B 9 -2.78 -5.43 -6.50
C PRO B 9 -1.36 -4.92 -6.25
N MET B 10 -0.45 -5.85 -5.94
CA MET B 10 0.90 -5.47 -5.53
C MET B 10 1.62 -4.70 -6.63
N GLU B 11 1.33 -5.01 -7.90
CA GLU B 11 2.02 -4.34 -9.02
C GLU B 11 1.74 -2.85 -9.07
N TYR B 12 0.67 -2.36 -8.44
CA TYR B 12 0.40 -0.93 -8.36
C TYR B 12 0.72 -0.37 -6.97
N ILE B 13 1.29 -1.17 -6.09
CA ILE B 13 1.66 -0.75 -4.75
C ILE B 13 3.17 -0.51 -4.61
N THR B 14 3.97 -1.54 -4.87
CA THR B 14 5.38 -1.56 -4.49
C THR B 14 6.29 -0.75 -5.42
N MET C 21 27.57 -18.13 2.39
CA MET C 21 27.53 -16.66 2.35
C MET C 21 28.14 -16.07 3.61
N ASP C 22 29.18 -15.24 3.46
CA ASP C 22 29.83 -14.60 4.61
C ASP C 22 29.60 -13.09 4.58
N PHE C 23 30.18 -12.38 5.55
CA PHE C 23 29.91 -10.96 5.64
C PHE C 23 30.39 -10.20 4.41
N GLN C 24 31.48 -10.63 3.79
CA GLN C 24 31.93 -9.98 2.57
C GLN C 24 30.92 -10.15 1.44
N ASN C 25 30.26 -11.31 1.35
CA ASN C 25 29.18 -11.49 0.38
C ASN C 25 28.01 -10.57 0.68
N PHE C 26 27.70 -10.38 1.97
CA PHE C 26 26.62 -9.47 2.33
C PHE C 26 26.93 -8.06 1.86
N VAL C 27 28.14 -7.58 2.15
CA VAL C 27 28.59 -6.28 1.65
C VAL C 27 28.49 -6.21 0.12
N ALA C 28 29.02 -7.22 -0.56
CA ALA C 28 29.01 -7.19 -2.02
C ALA C 28 27.59 -7.19 -2.56
N THR C 29 26.71 -7.96 -1.94
CA THR C 29 25.32 -8.03 -2.41
C THR C 29 24.62 -6.69 -2.25
N LEU C 30 24.78 -6.06 -1.08
CA LEU C 30 24.22 -4.75 -0.85
C LEU C 30 24.76 -3.74 -1.86
N GLU C 31 26.08 -3.77 -2.06
CA GLU C 31 26.75 -2.86 -2.98
C GLU C 31 26.23 -3.05 -4.40
N SER C 32 25.83 -4.26 -4.76
CA SER C 32 25.38 -4.52 -6.12
C SER C 32 24.07 -3.82 -6.46
N PHE C 33 23.35 -3.32 -5.45
CA PHE C 33 22.11 -2.61 -5.74
C PHE C 33 22.36 -1.38 -6.61
N LYS C 34 23.61 -0.89 -6.68
CA LYS C 34 23.92 0.25 -7.54
C LYS C 34 23.69 -0.06 -9.01
N ASP C 35 23.71 -1.34 -9.39
CA ASP C 35 23.55 -1.74 -10.79
C ASP C 35 22.09 -2.01 -11.17
N LEU C 36 21.16 -1.84 -10.24
CA LEU C 36 19.73 -1.94 -10.53
C LEU C 36 19.19 -0.54 -10.77
N LYS C 37 18.52 -0.34 -11.91
CA LYS C 37 17.99 0.98 -12.23
C LYS C 37 17.04 1.47 -11.14
N SER C 38 16.16 0.57 -10.67
CA SER C 38 15.17 0.89 -9.66
C SER C 38 15.76 0.89 -8.25
N GLY C 39 16.96 0.34 -8.07
CA GLY C 39 17.49 0.11 -6.75
C GLY C 39 16.75 -0.94 -5.96
N ILE C 40 15.96 -1.80 -6.61
CA ILE C 40 15.09 -2.73 -5.91
C ILE C 40 15.18 -4.10 -6.56
N SER C 41 15.37 -5.12 -5.74
CA SER C 41 15.26 -6.50 -6.20
C SER C 41 14.72 -7.34 -5.06
N GLY C 42 13.53 -7.92 -5.27
CA GLY C 42 12.94 -8.74 -4.23
C GLY C 42 13.82 -9.91 -3.81
N SER C 43 14.39 -10.61 -4.79
CA SER C 43 15.22 -11.78 -4.45
C SER C 43 16.51 -11.36 -3.73
N ARG C 44 17.14 -10.26 -4.17
CA ARG C 44 18.35 -9.82 -3.47
C ARG C 44 18.04 -9.33 -2.06
N ILE C 45 16.93 -8.60 -1.89
CA ILE C 45 16.52 -8.20 -0.54
C ILE C 45 16.28 -9.43 0.32
N LYS C 46 15.64 -10.47 -0.24
CA LYS C 46 15.44 -11.68 0.54
C LYS C 46 16.77 -12.30 0.92
N LYS C 47 17.73 -12.33 0.00
CA LYS C 47 19.05 -12.85 0.32
C LYS C 47 19.69 -12.08 1.48
N LEU C 48 19.58 -10.75 1.48
CA LEU C 48 20.13 -9.97 2.58
C LEU C 48 19.42 -10.27 3.89
N THR C 49 18.09 -10.45 3.83
CA THR C 49 17.30 -10.71 5.03
C THR C 49 17.62 -12.08 5.61
N THR C 50 17.67 -13.10 4.75
CA THR C 50 18.09 -14.42 5.21
C THR C 50 19.44 -14.33 5.91
N TYR C 51 20.39 -13.61 5.30
CA TYR C 51 21.67 -13.43 5.95
C TYR C 51 21.50 -12.75 7.32
N ALA C 52 20.72 -11.66 7.36
CA ALA C 52 20.54 -10.97 8.63
C ALA C 52 19.94 -11.89 9.68
N LEU C 53 19.00 -12.76 9.27
CA LEU C 53 18.37 -13.66 10.22
C LEU C 53 19.34 -14.74 10.70
N ASP C 54 20.26 -15.15 9.84
CA ASP C 54 21.19 -16.23 10.14
C ASP C 54 22.44 -15.76 10.87
N HIS C 55 22.60 -14.44 11.05
CA HIS C 55 23.82 -13.90 11.68
C HIS C 55 23.45 -12.80 12.66
N ILE C 56 22.44 -13.04 13.49
CA ILE C 56 22.01 -12.04 14.46
C ILE C 56 23.12 -11.74 15.43
N ASP C 57 24.05 -12.68 15.61
CA ASP C 57 25.21 -12.40 16.45
C ASP C 57 26.00 -11.18 15.98
N ILE C 58 25.94 -10.84 14.69
CA ILE C 58 26.64 -9.64 14.24
C ILE C 58 25.66 -8.60 13.72
N GLU C 59 24.48 -8.51 14.35
CA GLU C 59 23.48 -7.56 13.85
C GLU C 59 23.99 -6.14 13.87
N SER C 60 24.87 -5.79 14.83
CA SER C 60 25.35 -4.42 14.92
C SER C 60 26.03 -3.99 13.62
N LYS C 61 26.86 -4.86 13.02
CA LYS C 61 27.54 -4.54 11.77
C LYS C 61 26.58 -4.55 10.59
N ILE C 62 25.64 -5.50 10.56
CA ILE C 62 24.62 -5.54 9.50
C ILE C 62 23.78 -4.27 9.53
N ILE C 63 23.29 -3.88 10.71
CA ILE C 63 22.37 -2.76 10.79
C ILE C 63 23.09 -1.46 10.44
N SER C 64 24.33 -1.29 10.92
CA SER C 64 25.14 -0.13 10.54
C SER C 64 25.27 -0.01 9.03
N LEU C 65 25.50 -1.13 8.35
CA LEU C 65 25.70 -1.13 6.91
C LEU C 65 24.43 -0.70 6.17
N ILE C 66 23.27 -1.24 6.56
CA ILE C 66 22.04 -0.90 5.80
C ILE C 66 21.56 0.51 6.15
N ILE C 67 21.85 0.98 7.36
CA ILE C 67 21.66 2.39 7.67
C ILE C 67 22.54 3.25 6.77
N ASP C 68 23.82 2.90 6.69
CA ASP C 68 24.75 3.70 5.90
C ASP C 68 24.49 3.54 4.40
N TYR C 69 23.98 2.39 3.98
CA TYR C 69 23.56 2.27 2.58
C TYR C 69 22.44 3.27 2.26
N SER C 70 21.45 3.36 3.15
CA SER C 70 20.39 4.34 2.94
C SER C 70 20.93 5.77 2.95
N ARG C 71 21.91 6.05 3.81
CA ARG C 71 22.48 7.40 3.83
C ARG C 71 23.22 7.73 2.53
N LEU C 72 23.86 6.75 1.89
CA LEU C 72 24.82 7.04 0.84
C LEU C 72 24.36 6.66 -0.57
N CYS C 73 23.30 5.87 -0.72
CA CYS C 73 22.90 5.43 -2.05
C CYS C 73 22.33 6.58 -2.88
N PRO C 74 22.24 6.43 -4.20
CA PRO C 74 21.66 7.48 -5.04
C PRO C 74 20.24 7.84 -4.66
N ASP C 75 19.84 9.07 -5.02
CA ASP C 75 18.55 9.60 -4.59
C ASP C 75 17.38 8.72 -5.05
N SER C 76 17.43 8.21 -6.27
CA SER C 76 16.32 7.38 -6.73
C SER C 76 16.34 5.99 -6.09
N HIS C 77 17.43 5.61 -5.46
CA HIS C 77 17.52 4.32 -4.77
C HIS C 77 17.14 4.40 -3.30
N LYS C 78 16.77 5.59 -2.79
CA LYS C 78 16.43 5.72 -1.38
C LYS C 78 15.27 4.80 -1.00
N LEU C 79 14.24 4.74 -1.84
CA LEU C 79 13.08 3.88 -1.57
C LEU C 79 13.52 2.45 -1.33
N GLY C 80 14.37 1.93 -2.22
CA GLY C 80 14.86 0.58 -2.05
C GLY C 80 15.64 0.37 -0.77
N SER C 81 16.36 1.40 -0.32
CA SER C 81 17.07 1.28 0.95
C SER C 81 16.10 1.14 2.11
N LEU C 82 14.93 1.81 2.02
CA LEU C 82 13.93 1.66 3.06
C LEU C 82 13.24 0.30 2.99
N TYR C 83 13.12 -0.27 1.78
CA TYR C 83 12.64 -1.64 1.65
C TYR C 83 13.59 -2.63 2.30
N ILE C 84 14.90 -2.43 2.14
CA ILE C 84 15.89 -3.27 2.83
C ILE C 84 15.67 -3.21 4.33
N ILE C 85 15.52 -2.00 4.86
CA ILE C 85 15.26 -1.82 6.28
C ILE C 85 13.91 -2.42 6.66
N ASP C 86 12.89 -2.24 5.83
CA ASP C 86 11.60 -2.86 6.10
C ASP C 86 11.75 -4.36 6.28
N SER C 87 12.43 -5.01 5.33
CA SER C 87 12.52 -6.47 5.31
C SER C 87 13.32 -7.00 6.49
N ILE C 88 14.51 -6.44 6.73
CA ILE C 88 15.29 -6.89 7.87
C ILE C 88 14.62 -6.49 9.18
N GLY C 89 14.14 -5.24 9.25
CA GLY C 89 13.52 -4.78 10.48
C GLY C 89 12.32 -5.60 10.91
N ARG C 90 11.40 -5.87 9.98
CA ARG C 90 10.22 -6.65 10.35
C ARG C 90 10.55 -8.13 10.55
N ALA C 91 11.53 -8.66 9.80
CA ALA C 91 12.02 -10.01 10.08
C ALA C 91 12.57 -10.11 11.50
N TYR C 92 13.31 -9.09 11.92
CA TYR C 92 13.81 -9.07 13.29
C TYR C 92 12.67 -8.87 14.28
N LEU C 93 11.74 -7.97 13.96
CA LEU C 93 10.59 -7.73 14.83
C LEU C 93 9.81 -9.02 15.08
N ASP C 94 9.58 -9.80 14.02
CA ASP C 94 8.80 -11.03 14.18
C ASP C 94 9.50 -12.02 15.11
N GLU C 95 10.83 -11.95 15.19
CA GLU C 95 11.55 -12.81 16.13
C GLU C 95 11.36 -12.35 17.57
N THR C 96 11.37 -11.03 17.81
CA THR C 96 11.25 -10.54 19.17
C THR C 96 9.91 -10.94 19.80
N ARG C 97 8.88 -11.12 18.98
CA ARG C 97 7.56 -11.47 19.52
C ARG C 97 7.49 -12.93 19.97
N SER C 98 8.24 -13.81 19.33
CA SER C 98 8.29 -15.21 19.73
C SER C 98 9.23 -15.41 20.93
N SER C 103 17.22 -8.20 25.01
CA SER C 103 17.39 -7.00 25.84
C SER C 103 17.58 -5.76 24.97
N SER C 104 16.65 -4.81 25.11
CA SER C 104 16.55 -3.59 24.32
C SER C 104 17.87 -3.07 23.77
N ASN C 105 18.94 -3.14 24.54
CA ASN C 105 20.22 -2.66 24.03
C ASN C 105 21.34 -3.60 24.44
N LYS C 106 21.10 -4.90 24.30
CA LYS C 106 22.18 -5.87 24.33
C LYS C 106 22.63 -6.12 22.91
N PRO C 107 23.86 -5.78 22.54
CA PRO C 107 24.35 -6.16 21.21
C PRO C 107 24.14 -7.64 20.94
N GLY C 108 23.86 -7.98 19.68
CA GLY C 108 23.59 -9.34 19.31
C GLY C 108 22.15 -9.77 19.46
N THR C 109 21.21 -8.84 19.65
CA THR C 109 19.81 -9.17 19.76
C THR C 109 19.00 -8.44 18.69
N CYS C 110 17.90 -9.07 18.29
CA CYS C 110 16.96 -8.44 17.38
C CYS C 110 16.44 -7.14 17.96
N ALA C 111 16.13 -7.12 19.26
CA ALA C 111 15.61 -5.92 19.91
C ALA C 111 16.59 -4.76 19.78
N HIS C 112 17.87 -5.02 20.01
CA HIS C 112 18.85 -3.95 19.90
C HIS C 112 18.94 -3.44 18.46
N ALA C 113 18.87 -4.35 17.49
CA ALA C 113 18.94 -3.95 16.09
C ALA C 113 17.79 -3.02 15.74
N ILE C 114 16.61 -3.30 16.27
CA ILE C 114 15.43 -2.50 15.97
C ILE C 114 15.53 -1.15 16.67
N ASN C 115 16.03 -1.14 17.91
CA ASN C 115 16.27 0.14 18.58
C ASN C 115 17.27 0.99 17.81
N THR C 116 18.35 0.38 17.33
CA THR C 116 19.32 1.13 16.53
C THR C 116 18.66 1.72 15.29
N LEU C 117 17.88 0.92 14.56
CA LEU C 117 17.16 1.46 13.42
C LEU C 117 16.28 2.63 13.85
N GLY C 118 15.55 2.47 14.95
CA GLY C 118 14.59 3.49 15.34
C GLY C 118 15.24 4.81 15.71
N GLU C 119 16.48 4.76 16.23
CA GLU C 119 17.15 6.00 16.59
C GLU C 119 17.55 6.83 15.37
N VAL C 120 17.65 6.23 14.19
CA VAL C 120 18.04 6.97 12.98
C VAL C 120 16.91 7.07 11.97
N ILE C 121 15.74 6.48 12.24
CA ILE C 121 14.78 6.32 11.17
C ILE C 121 14.20 7.67 10.74
N GLN C 122 14.10 8.63 11.67
CA GLN C 122 13.59 9.95 11.30
C GLN C 122 14.53 10.65 10.32
N GLU C 123 15.84 10.61 10.60
CA GLU C 123 16.82 11.12 9.65
C GLU C 123 16.67 10.43 8.30
N LEU C 124 16.63 9.09 8.29
CA LEU C 124 16.64 8.35 7.03
C LEU C 124 15.37 8.61 6.23
N LEU C 125 14.24 8.72 6.91
CA LEU C 125 12.98 8.97 6.21
C LEU C 125 12.94 10.38 5.63
N SER C 126 13.32 11.39 6.42
CA SER C 126 13.19 12.76 5.93
C SER C 126 14.17 13.03 4.79
N ASP C 127 15.35 12.41 4.81
CA ASP C 127 16.26 12.56 3.68
C ASP C 127 15.74 11.81 2.46
N ALA C 128 15.18 10.62 2.66
CA ALA C 128 14.63 9.86 1.55
C ALA C 128 13.51 10.61 0.86
N ILE C 129 12.61 11.21 1.64
CA ILE C 129 11.49 11.94 1.06
C ILE C 129 11.97 13.17 0.31
N ALA C 130 12.88 13.94 0.91
CA ALA C 130 13.37 15.15 0.27
C ALA C 130 14.00 14.86 -1.10
N LYS C 131 14.61 13.69 -1.24
CA LYS C 131 15.30 13.36 -2.48
C LYS C 131 14.47 12.51 -3.43
N SER C 132 13.25 12.15 -3.04
CA SER C 132 12.41 11.29 -3.85
C SER C 132 11.48 12.10 -4.75
N ASN C 133 11.19 11.57 -5.93
CA ASN C 133 10.15 12.17 -6.75
C ASN C 133 8.79 11.90 -6.10
N GLN C 134 7.73 12.36 -6.77
CA GLN C 134 6.39 12.23 -6.19
C GLN C 134 6.00 10.78 -5.99
N ASP C 135 6.28 9.92 -6.97
CA ASP C 135 5.83 8.54 -6.86
C ASP C 135 6.56 7.81 -5.74
N HIS C 136 7.83 8.13 -5.51
CA HIS C 136 8.54 7.48 -4.42
C HIS C 136 8.09 8.02 -3.07
N LYS C 137 7.76 9.32 -3.00
CA LYS C 137 7.18 9.88 -1.78
C LYS C 137 5.94 9.11 -1.35
N GLU C 138 5.05 8.79 -2.30
CA GLU C 138 3.83 8.08 -1.93
C GLU C 138 4.15 6.67 -1.46
N LYS C 139 5.14 6.04 -2.09
CA LYS C 139 5.55 4.71 -1.64
C LYS C 139 6.21 4.77 -0.27
N ILE C 140 6.93 5.85 0.04
CA ILE C 140 7.46 6.01 1.39
C ILE C 140 6.34 6.20 2.38
N ARG C 141 5.29 6.95 2.01
CA ARG C 141 4.19 7.17 2.94
C ARG C 141 3.52 5.85 3.30
N MET C 142 3.30 4.98 2.31
CA MET C 142 2.68 3.69 2.60
C MET C 142 3.59 2.83 3.47
N LEU C 143 4.91 2.90 3.26
CA LEU C 143 5.85 2.20 4.12
C LEU C 143 5.75 2.73 5.55
N LEU C 144 5.66 4.04 5.71
CA LEU C 144 5.37 4.63 7.02
C LEU C 144 4.12 4.00 7.64
N ASP C 145 3.06 3.83 6.84
CA ASP C 145 1.83 3.26 7.37
C ASP C 145 2.02 1.82 7.78
N ILE C 146 2.68 1.02 6.93
CA ILE C 146 3.00 -0.37 7.26
C ILE C 146 3.79 -0.45 8.56
N TRP C 147 4.75 0.46 8.74
CA TRP C 147 5.57 0.44 9.96
C TRP C 147 4.73 0.80 11.18
N ASP C 148 3.79 1.72 11.00
CA ASP C 148 2.80 2.04 12.04
C ASP C 148 2.01 0.80 12.44
N ARG C 149 1.38 0.13 11.47
CA ARG C 149 0.48 -0.99 11.76
C ARG C 149 1.23 -2.20 12.31
N SER C 150 2.44 -2.47 11.81
CA SER C 150 3.17 -3.64 12.25
C SER C 150 3.88 -3.43 13.58
N GLY C 151 3.94 -2.20 14.07
CA GLY C 151 4.61 -1.91 15.32
C GLY C 151 6.11 -1.86 15.22
N LEU C 152 6.67 -1.67 14.02
CA LEU C 152 8.13 -1.70 13.85
C LEU C 152 8.80 -0.51 14.53
N PHE C 153 8.27 0.70 14.32
CA PHE C 153 8.82 1.88 14.97
C PHE C 153 7.72 2.58 15.77
N GLN C 154 8.14 3.49 16.66
CA GLN C 154 7.18 4.21 17.50
C GLN C 154 6.26 5.06 16.64
N LYS C 155 4.95 4.93 16.90
CA LYS C 155 3.97 5.71 16.16
C LYS C 155 4.24 7.20 16.25
N SER C 156 4.74 7.65 17.41
CA SER C 156 5.10 9.06 17.56
C SER C 156 6.17 9.46 16.55
N TYR C 157 7.25 8.70 16.48
CA TYR C 157 8.30 8.97 15.49
C TYR C 157 7.71 9.07 14.09
N LEU C 158 6.84 8.13 13.74
CA LEU C 158 6.37 8.03 12.36
C LEU C 158 5.39 9.15 12.04
N ASN C 159 4.42 9.40 12.93
CA ASN C 159 3.48 10.48 12.70
C ASN C 159 4.19 11.83 12.61
N ALA C 160 5.25 12.02 13.42
CA ALA C 160 6.06 13.23 13.33
C ALA C 160 6.60 13.43 11.93
N ILE C 161 7.22 12.40 11.36
CA ILE C 161 7.69 12.48 9.98
C ILE C 161 6.54 12.77 9.03
N ARG C 162 5.38 12.14 9.26
CA ARG C 162 4.25 12.32 8.37
C ARG C 162 3.80 13.78 8.34
N SER C 163 3.91 14.47 9.48
CA SER C 163 3.46 15.85 9.54
C SER C 163 4.49 16.81 8.96
N LYS C 164 5.78 16.55 9.16
CA LYS C 164 6.82 17.48 8.75
C LYS C 164 7.17 17.36 7.27
N CYS C 165 7.34 16.13 6.76
CA CYS C 165 7.90 15.94 5.45
C CYS C 165 6.87 15.86 4.33
N PHE C 166 5.60 15.59 4.66
CA PHE C 166 4.56 15.54 3.64
C PHE C 166 3.60 16.72 3.75
N ASP D 22 -31.45 -12.81 -10.51
CA ASP D 22 -30.00 -12.71 -10.50
C ASP D 22 -29.54 -11.36 -9.97
N PHE D 23 -30.05 -10.25 -10.55
CA PHE D 23 -29.71 -8.94 -10.02
C PHE D 23 -30.12 -8.81 -8.55
N GLN D 24 -31.20 -9.50 -8.15
CA GLN D 24 -31.58 -9.53 -6.75
C GLN D 24 -30.51 -10.18 -5.88
N ASN D 25 -29.74 -11.11 -6.44
CA ASN D 25 -28.62 -11.70 -5.70
C ASN D 25 -27.49 -10.69 -5.53
N PHE D 26 -27.24 -9.87 -6.55
CA PHE D 26 -26.26 -8.80 -6.43
C PHE D 26 -26.66 -7.85 -5.30
N VAL D 27 -27.91 -7.39 -5.32
CA VAL D 27 -28.42 -6.49 -4.29
C VAL D 27 -28.25 -7.10 -2.91
N ALA D 28 -28.72 -8.34 -2.75
CA ALA D 28 -28.67 -8.99 -1.44
C ALA D 28 -27.24 -9.20 -0.98
N THR D 29 -26.35 -9.60 -1.89
CA THR D 29 -24.94 -9.69 -1.54
C THR D 29 -24.42 -8.34 -1.07
N LEU D 30 -24.73 -7.29 -1.81
CA LEU D 30 -24.27 -5.96 -1.42
C LEU D 30 -24.91 -5.51 -0.10
N GLU D 31 -26.19 -5.81 0.09
CA GLU D 31 -26.85 -5.44 1.33
C GLU D 31 -26.22 -6.15 2.52
N SER D 32 -25.74 -7.37 2.32
CA SER D 32 -25.17 -8.14 3.43
C SER D 32 -23.93 -7.48 4.04
N PHE D 33 -23.29 -6.55 3.33
CA PHE D 33 -22.06 -5.95 3.84
C PHE D 33 -22.30 -5.21 5.16
N LYS D 34 -23.53 -4.73 5.38
CA LYS D 34 -23.81 -3.99 6.60
C LYS D 34 -23.59 -4.84 7.83
N ASP D 35 -23.58 -6.17 7.67
CA ASP D 35 -23.39 -7.12 8.77
C ASP D 35 -21.94 -7.49 9.01
N LEU D 36 -21.01 -6.96 8.23
CA LEU D 36 -19.59 -7.15 8.47
C LEU D 36 -19.04 -5.93 9.19
N LYS D 37 -18.32 -6.15 10.29
CA LYS D 37 -17.82 -5.02 11.07
C LYS D 37 -16.90 -4.13 10.23
N SER D 38 -16.02 -4.75 9.44
CA SER D 38 -15.09 -4.03 8.59
C SER D 38 -15.74 -3.41 7.35
N GLY D 39 -16.97 -3.79 7.04
CA GLY D 39 -17.54 -3.43 5.75
C GLY D 39 -16.81 -4.01 4.56
N ILE D 40 -16.07 -5.10 4.74
CA ILE D 40 -15.13 -5.60 3.74
C ILE D 40 -15.15 -7.12 3.76
N SER D 41 -15.38 -7.73 2.60
CA SER D 41 -15.23 -9.17 2.42
C SER D 41 -14.62 -9.44 1.06
N GLY D 42 -13.41 -10.00 1.04
CA GLY D 42 -12.78 -10.30 -0.23
C GLY D 42 -13.62 -11.22 -1.09
N SER D 43 -14.17 -12.28 -0.50
CA SER D 43 -14.94 -13.24 -1.28
C SER D 43 -16.23 -12.60 -1.80
N ARG D 44 -16.88 -11.76 -0.99
CA ARG D 44 -18.12 -11.13 -1.45
C ARG D 44 -17.86 -10.10 -2.54
N ILE D 45 -16.76 -9.36 -2.44
CA ILE D 45 -16.42 -8.41 -3.49
C ILE D 45 -16.12 -9.16 -4.79
N LYS D 46 -15.47 -10.32 -4.67
CA LYS D 46 -15.21 -11.13 -5.86
C LYS D 46 -16.50 -11.62 -6.50
N LYS D 47 -17.49 -11.97 -5.67
CA LYS D 47 -18.77 -12.41 -6.21
C LYS D 47 -19.49 -11.27 -6.92
N LEU D 48 -19.43 -10.06 -6.37
CA LEU D 48 -20.04 -8.90 -7.01
C LEU D 48 -19.35 -8.56 -8.33
N THR D 49 -18.01 -8.69 -8.34
CA THR D 49 -17.23 -8.40 -9.54
C THR D 49 -17.49 -9.42 -10.66
N THR D 50 -17.55 -10.70 -10.31
CA THR D 50 -17.87 -11.71 -11.33
C THR D 50 -19.24 -11.46 -11.92
N TYR D 51 -20.22 -11.11 -11.08
CA TYR D 51 -21.53 -10.76 -11.60
C TYR D 51 -21.43 -9.57 -12.55
N ALA D 52 -20.65 -8.56 -12.17
CA ALA D 52 -20.55 -7.36 -12.98
C ALA D 52 -19.92 -7.66 -14.35
N LEU D 53 -18.89 -8.50 -14.36
CA LEU D 53 -18.26 -8.86 -15.62
C LEU D 53 -19.19 -9.67 -16.52
N ASP D 54 -20.07 -10.47 -15.94
CA ASP D 54 -20.97 -11.32 -16.73
C ASP D 54 -22.29 -10.65 -17.08
N HIS D 55 -22.50 -9.42 -16.65
CA HIS D 55 -23.75 -8.70 -16.89
C HIS D 55 -23.46 -7.27 -17.32
N ILE D 56 -22.52 -7.10 -18.26
CA ILE D 56 -22.14 -5.75 -18.67
C ILE D 56 -23.34 -5.02 -19.26
N ASP D 57 -24.26 -5.75 -19.89
CA ASP D 57 -25.43 -5.10 -20.51
C ASP D 57 -26.25 -4.31 -19.48
N ILE D 58 -26.23 -4.70 -18.20
CA ILE D 58 -26.92 -3.90 -17.19
C ILE D 58 -25.92 -3.17 -16.27
N GLU D 59 -24.74 -2.81 -16.82
CA GLU D 59 -23.78 -2.05 -16.02
C GLU D 59 -24.40 -0.80 -15.41
N SER D 60 -25.35 -0.17 -16.12
CA SER D 60 -25.95 1.07 -15.62
C SER D 60 -26.61 0.87 -14.25
N LYS D 61 -27.29 -0.26 -14.06
CA LYS D 61 -27.92 -0.56 -12.78
C LYS D 61 -26.89 -0.98 -11.73
N ILE D 62 -25.87 -1.74 -12.14
CA ILE D 62 -24.80 -2.13 -11.22
C ILE D 62 -24.08 -0.90 -10.71
N ILE D 63 -23.68 -0.02 -11.64
CA ILE D 63 -22.84 1.12 -11.28
C ILE D 63 -23.63 2.10 -10.42
N SER D 64 -24.88 2.39 -10.80
CA SER D 64 -25.76 3.23 -9.97
C SER D 64 -25.84 2.70 -8.53
N LEU D 65 -25.98 1.38 -8.37
CA LEU D 65 -26.12 0.81 -7.03
C LEU D 65 -24.82 0.89 -6.23
N ILE D 66 -23.66 0.64 -6.86
CA ILE D 66 -22.45 0.69 -6.03
C ILE D 66 -22.06 2.12 -5.71
N ILE D 67 -22.37 3.07 -6.61
CA ILE D 67 -22.20 4.48 -6.29
C ILE D 67 -23.06 4.85 -5.08
N ASP D 68 -24.34 4.49 -5.13
CA ASP D 68 -25.26 4.82 -4.05
C ASP D 68 -24.90 4.08 -2.77
N TYR D 69 -24.37 2.85 -2.88
CA TYR D 69 -23.89 2.15 -1.69
C TYR D 69 -22.80 2.96 -1.00
N SER D 70 -21.86 3.49 -1.78
CA SER D 70 -20.81 4.31 -1.19
C SER D 70 -21.38 5.57 -0.55
N ARG D 71 -22.40 6.17 -1.17
CA ARG D 71 -23.00 7.37 -0.61
C ARG D 71 -23.70 7.11 0.73
N LEU D 72 -24.25 5.90 0.91
CA LEU D 72 -25.20 5.64 1.99
C LEU D 72 -24.69 4.69 3.07
N CYS D 73 -23.55 4.03 2.88
CA CYS D 73 -23.14 3.01 3.83
C CYS D 73 -22.54 3.64 5.09
N PRO D 74 -22.47 2.89 6.22
CA PRO D 74 -21.88 3.43 7.45
C PRO D 74 -20.49 4.01 7.28
N ASP D 75 -20.08 4.86 8.22
CA ASP D 75 -18.86 5.64 8.04
C ASP D 75 -17.60 4.78 7.96
N SER D 76 -17.47 3.78 8.84
CA SER D 76 -16.28 2.94 8.77
C SER D 76 -16.31 2.01 7.56
N HIS D 77 -17.46 1.92 6.86
CA HIS D 77 -17.62 1.07 5.70
C HIS D 77 -17.34 1.80 4.38
N LYS D 78 -17.02 3.09 4.44
CA LYS D 78 -16.72 3.85 3.23
C LYS D 78 -15.54 3.26 2.48
N LEU D 79 -14.48 2.91 3.22
CA LEU D 79 -13.32 2.28 2.59
C LEU D 79 -13.72 1.03 1.85
N GLY D 80 -14.54 0.18 2.47
CA GLY D 80 -15.03 -1.01 1.78
C GLY D 80 -15.83 -0.70 0.53
N SER D 81 -16.52 0.45 0.52
CA SER D 81 -17.27 0.82 -0.69
C SER D 81 -16.35 1.24 -1.81
N LEU D 82 -15.18 1.77 -1.48
CA LEU D 82 -14.21 2.10 -2.51
C LEU D 82 -13.47 0.86 -2.99
N TYR D 83 -13.27 -0.14 -2.11
CA TYR D 83 -12.71 -1.41 -2.57
C TYR D 83 -13.63 -2.08 -3.59
N ILE D 84 -14.94 -1.98 -3.39
CA ILE D 84 -15.90 -2.51 -4.36
C ILE D 84 -15.75 -1.79 -5.69
N ILE D 85 -15.67 -0.46 -5.65
CA ILE D 85 -15.50 0.32 -6.87
C ILE D 85 -14.15 -0.01 -7.51
N ASP D 86 -13.11 -0.20 -6.69
CA ASP D 86 -11.81 -0.60 -7.24
C ASP D 86 -11.91 -1.93 -7.96
N SER D 87 -12.58 -2.90 -7.34
CA SER D 87 -12.62 -4.22 -7.95
C SER D 87 -13.42 -4.21 -9.26
N ILE D 88 -14.62 -3.63 -9.23
CA ILE D 88 -15.44 -3.62 -10.45
C ILE D 88 -14.88 -2.65 -11.47
N GLY D 89 -14.40 -1.49 -11.02
CA GLY D 89 -13.80 -0.54 -11.94
C GLY D 89 -12.59 -1.09 -12.69
N ARG D 90 -11.65 -1.73 -11.97
CA ARG D 90 -10.46 -2.21 -12.68
C ARG D 90 -10.76 -3.47 -13.49
N ALA D 91 -11.70 -4.29 -13.03
CA ALA D 91 -12.15 -5.41 -13.84
C ALA D 91 -12.73 -4.91 -15.16
N TYR D 92 -13.53 -3.86 -15.12
CA TYR D 92 -14.08 -3.28 -16.34
C TYR D 92 -13.01 -2.58 -17.16
N LEU D 93 -12.07 -1.91 -16.51
CA LEU D 93 -10.96 -1.31 -17.25
C LEU D 93 -10.19 -2.38 -18.00
N ASP D 94 -9.89 -3.51 -17.34
CA ASP D 94 -9.16 -4.58 -18.01
C ASP D 94 -9.94 -5.12 -19.20
N GLU D 95 -11.27 -5.14 -19.11
CA GLU D 95 -12.06 -5.71 -20.19
C GLU D 95 -12.06 -4.81 -21.42
N THR D 96 -12.11 -3.50 -21.23
CA THR D 96 -12.02 -2.58 -22.37
C THR D 96 -10.68 -2.70 -23.08
N ARG D 97 -9.61 -3.04 -22.36
CA ARG D 97 -8.30 -3.14 -22.99
C ARG D 97 -8.17 -4.41 -23.81
N SER D 98 -8.83 -5.50 -23.41
CA SER D 98 -8.86 -6.70 -24.23
C SER D 98 -9.54 -6.43 -25.57
N ASN D 99 -10.72 -5.83 -25.53
CA ASN D 99 -11.38 -5.41 -26.77
C ASN D 99 -11.25 -3.90 -26.96
N ASN D 105 -19.67 6.20 -23.27
CA ASN D 105 -20.45 6.38 -24.48
C ASN D 105 -21.88 5.87 -24.31
N LYS D 106 -22.16 4.73 -24.93
CA LYS D 106 -23.53 4.26 -24.80
C LYS D 106 -23.65 3.34 -23.60
N PRO D 107 -24.80 3.38 -22.90
CA PRO D 107 -25.03 2.44 -21.80
C PRO D 107 -24.83 0.99 -22.21
N GLY D 108 -24.55 0.13 -21.24
CA GLY D 108 -24.32 -1.27 -21.52
C GLY D 108 -22.94 -1.61 -22.00
N THR D 109 -21.95 -0.76 -21.72
CA THR D 109 -20.56 -1.04 -22.06
C THR D 109 -19.66 -0.75 -20.86
N CYS D 110 -18.50 -1.42 -20.80
CA CYS D 110 -17.56 -1.16 -19.72
C CYS D 110 -17.10 0.29 -19.72
N ALA D 111 -16.88 0.86 -20.91
CA ALA D 111 -16.36 2.23 -20.96
C ALA D 111 -17.38 3.23 -20.42
N HIS D 112 -18.66 3.02 -20.71
CA HIS D 112 -19.67 3.90 -20.13
C HIS D 112 -19.71 3.75 -18.62
N ALA D 113 -19.55 2.52 -18.11
CA ALA D 113 -19.53 2.30 -16.67
C ALA D 113 -18.40 3.07 -16.00
N ILE D 114 -17.21 3.05 -16.62
CA ILE D 114 -16.05 3.71 -16.03
C ILE D 114 -16.21 5.22 -16.09
N ASN D 115 -16.77 5.72 -17.19
CA ASN D 115 -17.06 7.15 -17.29
C ASN D 115 -18.03 7.59 -16.20
N THR D 116 -19.08 6.79 -15.94
CA THR D 116 -20.04 7.14 -14.90
C THR D 116 -19.39 7.15 -13.53
N LEU D 117 -18.54 6.16 -13.23
CA LEU D 117 -17.78 6.21 -11.97
C LEU D 117 -16.92 7.46 -11.90
N GLY D 118 -16.27 7.83 -13.02
CA GLY D 118 -15.41 9.01 -13.01
C GLY D 118 -16.16 10.29 -12.71
N GLU D 119 -17.42 10.40 -13.11
CA GLU D 119 -18.16 11.64 -12.89
C GLU D 119 -18.49 11.85 -11.41
N VAL D 120 -18.44 10.81 -10.59
CA VAL D 120 -18.81 10.93 -9.18
C VAL D 120 -17.66 10.59 -8.23
N ILE D 121 -16.51 10.13 -8.75
CA ILE D 121 -15.51 9.57 -7.84
C ILE D 121 -14.93 10.65 -6.92
N GLN D 122 -14.76 11.88 -7.42
CA GLN D 122 -14.27 12.96 -6.55
C GLN D 122 -15.19 13.19 -5.37
N GLU D 123 -16.50 13.19 -5.63
CA GLU D 123 -17.49 13.30 -4.56
C GLU D 123 -17.43 12.12 -3.60
N LEU D 124 -17.33 10.90 -4.15
CA LEU D 124 -17.28 9.71 -3.30
C LEU D 124 -16.02 9.71 -2.44
N LEU D 125 -14.91 10.15 -3.01
CA LEU D 125 -13.64 10.15 -2.27
C LEU D 125 -13.66 11.18 -1.16
N SER D 126 -14.08 12.42 -1.46
CA SER D 126 -14.12 13.46 -0.45
C SER D 126 -14.92 13.02 0.76
N ASP D 127 -16.14 12.55 0.52
CA ASP D 127 -16.99 12.14 1.63
C ASP D 127 -16.41 10.94 2.37
N ALA D 128 -15.83 9.97 1.66
CA ALA D 128 -15.26 8.82 2.33
C ALA D 128 -14.08 9.24 3.21
N ILE D 129 -13.24 10.14 2.71
CA ILE D 129 -12.12 10.64 3.49
C ILE D 129 -12.62 11.38 4.72
N ALA D 130 -13.61 12.26 4.55
CA ALA D 130 -14.07 13.07 5.68
C ALA D 130 -14.66 12.22 6.80
N LYS D 131 -15.25 11.07 6.46
CA LYS D 131 -15.89 10.23 7.46
C LYS D 131 -15.01 9.10 7.97
N SER D 132 -13.82 8.92 7.41
CA SER D 132 -12.94 7.86 7.83
C SER D 132 -12.02 8.35 8.94
N ASN D 133 -11.65 7.44 9.85
CA ASN D 133 -10.60 7.76 10.81
C ASN D 133 -9.26 7.84 10.08
N GLN D 134 -8.21 8.15 10.82
CA GLN D 134 -6.89 8.32 10.22
C GLN D 134 -6.41 7.04 9.53
N ASP D 135 -6.74 5.88 10.08
CA ASP D 135 -6.22 4.65 9.47
C ASP D 135 -6.91 4.36 8.15
N HIS D 136 -8.22 4.59 8.06
CA HIS D 136 -8.90 4.43 6.78
C HIS D 136 -8.47 5.52 5.80
N LYS D 137 -8.23 6.75 6.30
CA LYS D 137 -7.72 7.83 5.45
C LYS D 137 -6.45 7.40 4.72
N GLU D 138 -5.47 6.87 5.48
CA GLU D 138 -4.25 6.37 4.86
C GLU D 138 -4.54 5.30 3.82
N LYS D 139 -5.48 4.39 4.13
CA LYS D 139 -5.78 3.33 3.18
C LYS D 139 -6.48 3.88 1.94
N ILE D 140 -7.20 5.00 2.08
CA ILE D 140 -7.83 5.61 0.91
C ILE D 140 -6.79 6.29 0.04
N ARG D 141 -5.80 6.95 0.65
CA ARG D 141 -4.72 7.52 -0.14
C ARG D 141 -3.97 6.45 -0.93
N MET D 142 -3.79 5.26 -0.33
CA MET D 142 -3.21 4.14 -1.07
C MET D 142 -4.04 3.81 -2.30
N LEU D 143 -5.37 3.88 -2.17
CA LEU D 143 -6.24 3.56 -3.30
C LEU D 143 -6.10 4.59 -4.40
N LEU D 144 -5.99 5.87 -4.03
CA LEU D 144 -5.73 6.92 -5.00
C LEU D 144 -4.47 6.61 -5.80
N ASP D 145 -3.42 6.18 -5.12
CA ASP D 145 -2.16 5.84 -5.80
C ASP D 145 -2.35 4.65 -6.73
N ILE D 146 -3.02 3.60 -6.26
CA ILE D 146 -3.29 2.44 -7.13
C ILE D 146 -4.06 2.87 -8.37
N TRP D 147 -5.11 3.68 -8.18
CA TRP D 147 -5.91 4.12 -9.32
C TRP D 147 -5.10 5.03 -10.23
N ASP D 148 -4.23 5.85 -9.65
CA ASP D 148 -3.30 6.64 -10.45
C ASP D 148 -2.45 5.74 -11.34
N ARG D 149 -1.82 4.72 -10.72
CA ARG D 149 -0.88 3.87 -11.44
C ARG D 149 -1.56 2.88 -12.40
N SER D 150 -2.78 2.44 -12.08
CA SER D 150 -3.47 1.48 -12.91
C SER D 150 -4.22 2.14 -14.07
N GLY D 151 -4.45 3.45 -13.99
CA GLY D 151 -5.15 4.18 -15.03
C GLY D 151 -6.66 4.23 -14.88
N LEU D 152 -7.21 3.91 -13.70
CA LEU D 152 -8.67 3.77 -13.60
C LEU D 152 -9.37 5.12 -13.78
N PHE D 153 -9.00 6.12 -13.00
CA PHE D 153 -9.67 7.42 -13.12
C PHE D 153 -8.66 8.45 -13.57
N GLN D 154 -9.13 9.63 -13.97
CA GLN D 154 -8.22 10.66 -14.47
C GLN D 154 -7.31 11.16 -13.34
N LYS D 155 -6.01 11.22 -13.63
CA LYS D 155 -5.05 11.65 -12.61
C LYS D 155 -5.35 13.04 -12.08
N SER D 156 -5.90 13.91 -12.94
CA SER D 156 -6.28 15.24 -12.47
C SER D 156 -7.36 15.17 -11.41
N TYR D 157 -8.31 14.25 -11.56
CA TYR D 157 -9.33 14.06 -10.53
C TYR D 157 -8.69 13.59 -9.22
N LEU D 158 -7.83 12.56 -9.32
CA LEU D 158 -7.21 12.00 -8.12
C LEU D 158 -6.29 13.01 -7.46
N ASN D 159 -5.56 13.79 -8.25
CA ASN D 159 -4.64 14.76 -7.66
C ASN D 159 -5.39 15.87 -6.95
N ALA D 160 -6.57 16.25 -7.46
CA ALA D 160 -7.38 17.24 -6.77
C ALA D 160 -7.81 16.74 -5.39
N ILE D 161 -8.25 15.49 -5.31
CA ILE D 161 -8.61 14.90 -4.01
C ILE D 161 -7.39 14.85 -3.10
N ARG D 162 -6.23 14.50 -3.67
CA ARG D 162 -5.02 14.37 -2.86
C ARG D 162 -4.68 15.69 -2.19
N SER D 163 -4.71 16.79 -2.95
CA SER D 163 -4.28 18.08 -2.44
C SER D 163 -5.34 18.76 -1.58
N LYS D 164 -6.60 18.39 -1.71
CA LYS D 164 -7.67 19.12 -1.02
C LYS D 164 -8.16 18.42 0.24
N CYS D 165 -8.29 17.10 0.23
CA CYS D 165 -8.82 16.37 1.37
C CYS D 165 -7.75 15.90 2.34
N PHE D 166 -6.48 16.04 1.99
CA PHE D 166 -5.40 15.63 2.89
C PHE D 166 -4.53 16.82 3.26
#